data_6YHA
#
_entry.id   6YHA
#
_cell.length_a   41.846
_cell.length_b   40.768
_cell.length_c   70.369
_cell.angle_alpha   90.000
_cell.angle_beta   103.450
_cell.angle_gamma   90.000
#
_symmetry.space_group_name_H-M   'P 1 21 1'
#
loop_
_entity.id
_entity.type
_entity.pdbx_description
1 polymer 'Carbonic anhydrase 2'
2 non-polymer 'ZINC ION'
3 non-polymer 'DIMETHYL SULFOXIDE'
4 non-polymer '2-(N-MORPHOLINO)-ETHANESULFONIC ACID'
5 non-polymer 'ISOBUTYL MALONIC ACID'
6 non-polymer 2,3,5,6-tetrafluoro-4-(propylsulfanyl)benzenesulfonamide
7 water water
#
_entity_poly.entity_id   1
_entity_poly.type   'polypeptide(L)'
_entity_poly.pdbx_seq_one_letter_code
;MSHHWGYGKHNGPEHWHKDFPIAKGERQSPVDIDTHTAKYDPSLKPLSVSYDQATSLRILNNGHSFKVEFDDSQDKAVLK
GGPLDGTYRLTQFHFHWGSLDGQGSEHTVDKKKYAAELHLVHWNTKYGDAGKASQQPDGLAVLGIFLKVGSAKPGLQKVV
DVLDSIKTKGKSADFTNFDPRGLLPESLDYWTYPGSLTTPPLNECVTWIVLKEPISVSSEQVLKFRKLNFNGEGEPEELM
VDNWRPAQPLKNRQIKASFK
;
_entity_poly.pdbx_strand_id   A
#
loop_
_chem_comp.id
_chem_comp.type
_chem_comp.name
_chem_comp.formula
3TV non-polymer 2,3,5,6-tetrafluoro-4-(propylsulfanyl)benzenesulfonamide 'C9 H9 F4 N O2 S2'
DMS non-polymer 'DIMETHYL SULFOXIDE' 'C2 H6 O S'
LML non-polymer 'ISOBUTYL MALONIC ACID' 'C7 H12 O4'
MES non-polymer '2-(N-MORPHOLINO)-ETHANESULFONIC ACID' 'C6 H13 N O4 S'
ZN non-polymer 'ZINC ION' 'Zn 2'
#
# COMPACT_ATOMS: atom_id res chain seq x y z
N HIS A 4 -12.11 4.03 18.33
CA HIS A 4 -11.52 3.49 17.12
C HIS A 4 -10.26 4.25 16.70
N TRP A 5 -9.26 3.53 16.19
CA TRP A 5 -8.05 4.17 15.70
C TRP A 5 -8.38 4.94 14.42
N GLY A 6 -7.57 5.95 14.13
CA GLY A 6 -7.71 6.70 12.89
C GLY A 6 -6.46 7.53 12.68
N TYR A 7 -6.63 8.72 12.08
CA TYR A 7 -5.52 9.54 11.69
C TYR A 7 -5.64 10.93 12.27
N GLY A 8 -6.61 11.13 13.16
CA GLY A 8 -6.81 12.44 13.77
C GLY A 8 -5.87 12.68 14.95
N LYS A 9 -5.98 13.88 15.53
CA LYS A 9 -5.14 14.30 16.64
C LYS A 9 -5.36 13.38 17.85
N HIS A 10 -6.57 12.85 18.05
CA HIS A 10 -6.85 12.09 19.27
C HIS A 10 -6.85 10.58 19.06
N ASN A 11 -6.70 10.09 17.80
CA ASN A 11 -6.69 8.63 17.60
C ASN A 11 -5.69 8.22 16.53
N GLY A 12 -4.74 9.11 16.19
CA GLY A 12 -3.85 8.91 15.08
C GLY A 12 -2.60 8.15 15.48
N PRO A 13 -1.61 8.12 14.58
CA PRO A 13 -0.40 7.32 14.79
C PRO A 13 0.27 7.45 16.14
N GLU A 14 0.23 8.63 16.78
CA GLU A 14 0.96 8.73 18.05
C GLU A 14 0.23 8.01 19.17
N HIS A 15 -1.03 7.65 18.91
CA HIS A 15 -1.86 7.01 19.93
C HIS A 15 -1.93 5.50 19.75
N TRP A 16 -1.52 4.99 18.57
CA TRP A 16 -1.81 3.60 18.26
C TRP A 16 -1.13 2.62 19.22
N HIS A 17 0.04 2.99 19.75
CA HIS A 17 0.76 2.05 20.61
C HIS A 17 -0.05 1.65 21.83
N LYS A 18 -1.04 2.47 22.27
CA LYS A 18 -1.74 2.07 23.49
C LYS A 18 -2.63 0.85 23.24
N ASP A 19 -3.19 0.68 22.04
CA ASP A 19 -3.96 -0.53 21.73
C ASP A 19 -3.09 -1.59 21.06
N PHE A 20 -1.99 -1.16 20.40
CA PHE A 20 -1.20 -2.06 19.58
C PHE A 20 0.27 -1.83 19.93
N PRO A 21 0.74 -2.36 21.06
CA PRO A 21 2.07 -2.01 21.57
C PRO A 21 3.24 -2.29 20.63
N ILE A 22 3.01 -3.16 19.63
N ILE A 22 3.01 -3.16 19.63
CA ILE A 22 4.00 -3.48 18.62
CA ILE A 22 4.03 -3.46 18.65
C ILE A 22 4.29 -2.21 17.80
C ILE A 22 4.31 -2.21 17.82
N ALA A 23 3.50 -1.15 17.95
CA ALA A 23 3.80 0.13 17.30
C ALA A 23 5.21 0.60 17.59
N LYS A 24 5.77 0.26 18.76
CA LYS A 24 7.11 0.66 19.15
C LYS A 24 8.07 -0.51 18.97
N GLY A 25 7.73 -1.45 18.07
CA GLY A 25 8.55 -2.64 17.81
C GLY A 25 9.81 -2.36 17.02
N GLU A 26 10.52 -3.45 16.74
CA GLU A 26 11.81 -3.38 16.11
C GLU A 26 11.72 -3.37 14.59
N ARG A 27 10.52 -3.66 14.01
CA ARG A 27 10.45 -3.72 12.56
C ARG A 27 9.19 -3.02 12.06
N GLN A 28 9.02 -1.76 12.47
CA GLN A 28 7.81 -1.04 12.08
C GLN A 28 8.02 -0.32 10.74
N SER A 29 6.87 -0.12 10.09
CA SER A 29 6.81 0.56 8.79
C SER A 29 5.81 1.69 8.87
N PRO A 30 5.90 2.71 7.98
CA PRO A 30 6.95 2.82 6.96
C PRO A 30 8.26 3.36 7.53
N VAL A 31 9.27 3.53 6.68
CA VAL A 31 10.55 4.08 7.03
C VAL A 31 10.88 5.12 5.95
N ASP A 32 11.84 5.95 6.29
CA ASP A 32 12.57 6.70 5.30
C ASP A 32 13.59 5.82 4.62
N ILE A 33 13.55 5.84 3.30
CA ILE A 33 14.53 5.11 2.50
C ILE A 33 15.68 6.08 2.20
N ASP A 34 16.82 5.86 2.87
CA ASP A 34 18.02 6.64 2.63
C ASP A 34 18.73 5.94 1.47
N THR A 35 18.61 6.57 0.31
CA THR A 35 19.04 5.93 -0.92
C THR A 35 20.57 5.70 -0.94
N HIS A 36 21.32 6.45 -0.10
CA HIS A 36 22.77 6.36 -0.01
C HIS A 36 23.32 5.36 1.02
N THR A 37 22.47 4.89 1.86
CA THR A 37 22.93 3.86 2.77
C THR A 37 22.29 2.53 2.33
N ALA A 38 21.28 2.56 1.45
CA ALA A 38 20.71 1.31 0.99
C ALA A 38 21.80 0.52 0.29
N LYS A 39 21.82 -0.78 0.49
CA LYS A 39 22.86 -1.67 -0.01
C LYS A 39 22.39 -2.32 -1.30
N TYR A 40 23.09 -2.03 -2.40
CA TYR A 40 22.85 -2.72 -3.67
C TYR A 40 23.19 -4.18 -3.44
N ASP A 41 22.27 -5.07 -3.72
CA ASP A 41 22.51 -6.49 -3.52
C ASP A 41 22.39 -7.19 -4.87
N PRO A 42 23.53 -7.48 -5.56
CA PRO A 42 23.51 -8.10 -6.89
C PRO A 42 22.90 -9.51 -6.83
N SER A 43 22.78 -10.09 -5.63
CA SER A 43 22.13 -11.40 -5.54
C SER A 43 20.59 -11.34 -5.58
N LEU A 44 19.96 -10.16 -5.49
CA LEU A 44 18.51 -10.12 -5.49
C LEU A 44 18.02 -10.43 -6.90
N LYS A 45 16.88 -11.13 -6.94
CA LYS A 45 16.30 -11.36 -8.27
C LYS A 45 15.43 -10.21 -8.75
N PRO A 46 15.18 -10.18 -10.09
CA PRO A 46 14.14 -9.31 -10.63
C PRO A 46 12.88 -9.75 -9.92
N LEU A 47 11.99 -8.76 -9.73
CA LEU A 47 10.70 -9.07 -9.21
C LEU A 47 9.94 -9.73 -10.34
N SER A 48 9.16 -10.77 -10.02
CA SER A 48 8.22 -11.36 -10.96
C SER A 48 6.80 -10.91 -10.55
N VAL A 49 6.17 -10.06 -11.34
CA VAL A 49 4.79 -9.62 -11.12
C VAL A 49 3.96 -10.30 -12.19
N SER A 50 3.04 -11.24 -11.82
CA SER A 50 2.30 -11.99 -12.81
C SER A 50 0.83 -11.69 -12.58
N TYR A 51 0.34 -10.59 -13.16
CA TYR A 51 -1.01 -10.14 -12.89
C TYR A 51 -1.97 -10.41 -14.05
N ASP A 52 -1.57 -11.18 -15.08
CA ASP A 52 -2.44 -11.43 -16.24
C ASP A 52 -3.83 -12.02 -15.94
N GLN A 53 -3.92 -12.91 -14.97
CA GLN A 53 -5.21 -13.50 -14.67
C GLN A 53 -5.89 -12.87 -13.45
N ALA A 54 -5.48 -11.68 -13.03
CA ALA A 54 -6.09 -11.09 -11.86
C ALA A 54 -7.59 -10.94 -12.06
N THR A 55 -8.32 -11.16 -10.96
CA THR A 55 -9.78 -11.01 -10.96
C THR A 55 -10.15 -10.05 -9.83
N SER A 56 -10.35 -8.78 -10.15
CA SER A 56 -10.86 -7.90 -9.13
C SER A 56 -12.34 -8.22 -8.88
N LEU A 57 -12.80 -7.96 -7.65
CA LEU A 57 -14.19 -8.29 -7.30
C LEU A 57 -14.97 -7.06 -6.89
N ARG A 58 -14.42 -6.26 -5.93
CA ARG A 58 -15.23 -5.25 -5.27
C ARG A 58 -14.31 -4.11 -4.87
N ILE A 59 -14.90 -2.95 -4.63
CA ILE A 59 -14.17 -1.80 -4.07
C ILE A 59 -14.97 -1.33 -2.85
N LEU A 60 -14.28 -0.91 -1.78
CA LEU A 60 -15.00 -0.51 -0.58
C LEU A 60 -14.25 0.61 0.11
N ASN A 61 -14.99 1.40 0.86
CA ASN A 61 -14.48 2.41 1.77
C ASN A 61 -14.58 1.80 3.17
N ASN A 62 -13.42 1.54 3.77
CA ASN A 62 -13.41 0.91 5.09
C ASN A 62 -13.15 1.94 6.21
N GLY A 63 -13.21 3.22 5.91
CA GLY A 63 -13.08 4.19 6.97
C GLY A 63 -11.65 4.66 7.15
N HIS A 64 -10.67 3.97 6.52
N HIS A 64 -10.72 3.92 6.55
CA HIS A 64 -9.28 4.38 6.60
CA HIS A 64 -9.34 4.35 6.62
C HIS A 64 -8.58 4.50 5.23
C HIS A 64 -8.79 4.67 5.23
N SER A 65 -9.20 3.88 4.21
CA SER A 65 -8.75 4.00 2.84
C SER A 65 -9.93 3.53 1.97
N PHE A 66 -9.67 3.37 0.68
CA PHE A 66 -10.54 2.53 -0.11
C PHE A 66 -9.71 1.38 -0.61
N LYS A 67 -10.35 0.21 -0.76
CA LYS A 67 -9.63 -0.99 -1.08
C LYS A 67 -10.36 -1.72 -2.22
N VAL A 68 -9.56 -2.22 -3.18
CA VAL A 68 -10.06 -3.10 -4.21
C VAL A 68 -9.63 -4.50 -3.81
N GLU A 69 -10.64 -5.38 -3.70
CA GLU A 69 -10.39 -6.75 -3.35
C GLU A 69 -10.42 -7.66 -4.55
N PHE A 70 -9.53 -8.64 -4.54
CA PHE A 70 -9.39 -9.59 -5.61
C PHE A 70 -9.85 -10.98 -5.20
N ASP A 71 -10.20 -11.79 -6.22
N ASP A 71 -10.19 -11.81 -6.20
CA ASP A 71 -10.34 -13.20 -6.01
CA ASP A 71 -10.45 -13.22 -5.93
C ASP A 71 -8.96 -13.78 -5.79
C ASP A 71 -9.12 -13.94 -5.81
N ASP A 72 -8.69 -14.17 -4.57
CA ASP A 72 -7.41 -14.81 -4.26
C ASP A 72 -7.59 -16.26 -3.83
N SER A 73 -8.65 -16.88 -4.33
CA SER A 73 -8.92 -18.28 -4.04
C SER A 73 -8.24 -19.24 -5.02
N GLN A 74 -7.51 -18.73 -6.00
CA GLN A 74 -6.73 -19.55 -6.90
C GLN A 74 -5.46 -18.81 -7.21
N ASP A 75 -4.43 -19.46 -7.80
N ASP A 75 -4.60 -19.57 -7.88
CA ASP A 75 -3.15 -18.79 -8.06
CA ASP A 75 -3.35 -19.15 -8.46
C ASP A 75 -3.25 -18.00 -9.38
C ASP A 75 -3.69 -18.11 -9.54
N LYS A 76 -3.76 -16.77 -9.29
CA LYS A 76 -4.20 -15.87 -10.38
C LYS A 76 -3.41 -14.58 -10.72
N ALA A 77 -2.74 -13.99 -9.77
CA ALA A 77 -2.08 -12.65 -9.66
C ALA A 77 -1.03 -12.80 -8.58
N VAL A 78 0.17 -13.20 -8.97
CA VAL A 78 1.13 -13.62 -7.98
C VAL A 78 2.42 -12.81 -8.15
N LEU A 79 3.02 -12.55 -6.99
CA LEU A 79 4.33 -11.93 -6.84
C LEU A 79 5.31 -12.98 -6.37
N LYS A 80 6.46 -13.02 -7.02
CA LYS A 80 7.53 -13.90 -6.54
C LYS A 80 8.86 -13.28 -6.94
N GLY A 81 9.98 -13.96 -6.62
CA GLY A 81 11.27 -13.49 -7.04
C GLY A 81 11.69 -12.34 -6.13
N GLY A 82 12.58 -11.50 -6.64
CA GLY A 82 13.03 -10.41 -5.79
C GLY A 82 13.63 -10.99 -4.52
N PRO A 83 13.28 -10.45 -3.34
CA PRO A 83 13.83 -10.94 -2.08
C PRO A 83 13.04 -12.14 -1.58
N LEU A 84 11.97 -12.51 -2.30
CA LEU A 84 11.03 -13.41 -1.65
C LEU A 84 11.35 -14.88 -1.88
N ASP A 85 10.99 -15.70 -0.89
CA ASP A 85 11.09 -17.15 -1.05
C ASP A 85 9.67 -17.64 -1.30
N GLY A 86 9.47 -18.52 -2.27
CA GLY A 86 8.08 -18.94 -2.47
C GLY A 86 7.23 -17.96 -3.30
N THR A 87 5.90 -18.04 -3.12
N THR A 87 5.91 -18.07 -3.17
CA THR A 87 4.89 -17.40 -3.97
CA THR A 87 5.01 -17.27 -4.00
C THR A 87 3.89 -16.61 -3.13
C THR A 87 3.97 -16.57 -3.13
N TYR A 88 3.60 -15.35 -3.53
CA TYR A 88 2.68 -14.56 -2.78
C TYR A 88 1.54 -14.14 -3.69
N ARG A 89 0.31 -14.22 -3.19
CA ARG A 89 -0.87 -13.99 -4.00
C ARG A 89 -1.50 -12.63 -3.73
N LEU A 90 -1.85 -11.89 -4.79
CA LEU A 90 -2.48 -10.59 -4.57
C LEU A 90 -3.87 -10.78 -3.97
N THR A 91 -4.16 -10.06 -2.90
CA THR A 91 -5.48 -10.08 -2.30
C THR A 91 -6.18 -8.75 -2.42
N GLN A 92 -5.45 -7.60 -2.35
CA GLN A 92 -6.16 -6.31 -2.39
C GLN A 92 -5.14 -5.25 -2.72
N PHE A 93 -5.57 -4.07 -3.17
CA PHE A 93 -4.73 -2.89 -3.11
C PHE A 93 -5.53 -1.78 -2.48
N HIS A 94 -4.79 -0.78 -1.98
CA HIS A 94 -5.38 0.41 -1.40
C HIS A 94 -4.36 1.53 -1.54
N PHE A 95 -4.72 2.73 -1.09
CA PHE A 95 -3.79 3.86 -1.18
C PHE A 95 -3.75 4.60 0.15
N HIS A 96 -2.70 5.41 0.27
CA HIS A 96 -2.60 6.41 1.33
C HIS A 96 -2.30 7.71 0.64
N TRP A 97 -2.90 8.82 1.11
CA TRP A 97 -2.70 10.06 0.38
C TRP A 97 -2.89 11.25 1.33
N GLY A 98 -2.57 12.42 0.81
CA GLY A 98 -2.47 13.62 1.61
C GLY A 98 -3.64 14.59 1.41
N SER A 99 -3.62 15.64 2.21
CA SER A 99 -4.57 16.75 2.08
C SER A 99 -4.09 17.76 1.04
N LEU A 100 -2.84 17.66 0.65
CA LEU A 100 -2.27 18.44 -0.43
C LEU A 100 -1.10 17.65 -1.06
N ASP A 101 -0.58 18.13 -2.19
CA ASP A 101 0.27 17.28 -3.02
C ASP A 101 1.63 17.02 -2.35
N GLY A 102 2.10 17.92 -1.44
CA GLY A 102 3.42 17.69 -0.88
C GLY A 102 3.46 16.70 0.27
N GLN A 103 2.38 15.92 0.47
CA GLN A 103 2.48 14.83 1.44
C GLN A 103 1.43 13.79 1.12
N GLY A 104 1.54 12.62 1.77
CA GLY A 104 0.58 11.59 1.47
C GLY A 104 1.19 10.20 1.50
N SER A 105 2.46 10.09 1.08
CA SER A 105 3.07 8.79 1.08
C SER A 105 3.45 8.39 2.50
N GLU A 106 3.61 7.09 2.70
CA GLU A 106 4.02 6.57 4.01
C GLU A 106 5.55 6.42 4.01
N HIS A 107 6.08 5.64 3.06
CA HIS A 107 7.53 5.67 2.85
C HIS A 107 7.94 7.04 2.32
N THR A 108 9.18 7.39 2.66
CA THR A 108 9.75 8.59 2.08
C THR A 108 11.09 8.20 1.45
N VAL A 109 11.59 9.02 0.52
CA VAL A 109 12.85 8.69 -0.15
C VAL A 109 13.80 9.86 0.12
N ASP A 110 14.87 9.64 0.93
CA ASP A 110 15.73 10.78 1.27
C ASP A 110 14.87 11.92 1.81
N LYS A 111 13.85 11.56 2.64
CA LYS A 111 12.94 12.46 3.33
C LYS A 111 11.86 13.04 2.42
N LYS A 112 11.96 12.78 1.10
CA LYS A 112 10.91 13.28 0.22
C LYS A 112 9.59 12.50 0.42
N LYS A 113 8.53 13.27 0.61
N LYS A 113 8.50 13.26 0.53
CA LYS A 113 7.17 12.73 0.60
CA LYS A 113 7.13 12.76 0.64
C LYS A 113 6.61 12.84 -0.80
C LYS A 113 6.37 12.92 -0.66
N TYR A 114 5.87 11.81 -1.18
CA TYR A 114 5.10 11.82 -2.40
C TYR A 114 3.66 12.17 -2.10
N ALA A 115 2.83 12.40 -3.14
CA ALA A 115 1.43 12.76 -2.97
C ALA A 115 0.62 11.60 -2.43
N ALA A 116 1.02 10.37 -2.78
CA ALA A 116 0.23 9.25 -2.35
C ALA A 116 1.10 8.01 -2.51
N GLU A 117 0.61 6.90 -1.95
CA GLU A 117 1.35 5.65 -2.08
C GLU A 117 0.34 4.54 -2.26
N LEU A 118 0.59 3.70 -3.25
CA LEU A 118 -0.26 2.52 -3.55
C LEU A 118 0.40 1.30 -2.90
N HIS A 119 -0.43 0.48 -2.24
CA HIS A 119 0.00 -0.77 -1.62
C HIS A 119 -0.74 -1.92 -2.28
N LEU A 120 0.00 -2.73 -3.03
CA LEU A 120 -0.53 -3.96 -3.55
C LEU A 120 -0.13 -5.09 -2.60
N VAL A 121 -1.11 -5.71 -1.98
CA VAL A 121 -0.89 -6.57 -0.80
C VAL A 121 -1.05 -8.03 -1.19
N HIS A 122 0.01 -8.79 -0.88
CA HIS A 122 0.04 -10.18 -1.29
C HIS A 122 0.32 -11.04 -0.07
N TRP A 123 -0.21 -12.27 -0.05
CA TRP A 123 0.08 -13.17 1.09
C TRP A 123 0.82 -14.42 0.62
N ASN A 124 1.68 -14.90 1.50
CA ASN A 124 2.52 -16.06 1.21
C ASN A 124 1.66 -17.32 1.15
N THR A 125 1.68 -17.98 -0.02
CA THR A 125 0.77 -19.10 -0.20
C THR A 125 1.11 -20.25 0.78
N LYS A 126 2.27 -20.16 1.45
CA LYS A 126 2.49 -21.36 2.30
C LYS A 126 1.60 -21.26 3.54
N TYR A 127 0.88 -20.14 3.74
CA TYR A 127 0.05 -19.96 4.92
C TYR A 127 -1.43 -20.05 4.58
N GLY A 128 -1.75 -20.25 3.29
CA GLY A 128 -3.08 -20.72 2.97
C GLY A 128 -4.13 -19.63 2.81
N ASP A 129 -3.96 -18.51 3.50
N ASP A 129 -4.15 -18.59 3.69
CA ASP A 129 -4.84 -17.40 3.24
CA ASP A 129 -5.12 -17.48 3.79
C ASP A 129 -4.27 -16.16 3.95
C ASP A 129 -4.44 -16.18 4.24
N ALA A 130 -4.93 -15.02 3.75
CA ALA A 130 -4.37 -13.72 4.06
C ALA A 130 -4.35 -13.52 5.59
N GLY A 131 -5.37 -14.00 6.31
CA GLY A 131 -5.44 -13.67 7.74
C GLY A 131 -4.38 -14.48 8.48
N LYS A 132 -4.29 -15.76 8.13
N LYS A 132 -4.30 -15.78 8.17
CA LYS A 132 -3.27 -16.56 8.78
CA LYS A 132 -3.24 -16.59 8.76
C LYS A 132 -1.87 -16.08 8.37
C LYS A 132 -1.89 -16.02 8.39
N ALA A 133 -1.73 -15.60 7.12
CA ALA A 133 -0.41 -15.11 6.73
C ALA A 133 -0.01 -13.88 7.56
N SER A 134 -1.01 -13.05 7.90
CA SER A 134 -0.69 -11.83 8.64
C SER A 134 -0.16 -12.11 10.04
N GLN A 135 -0.27 -13.36 10.48
CA GLN A 135 0.24 -13.75 11.79
C GLN A 135 1.67 -14.30 11.73
N GLN A 136 2.33 -14.20 10.55
CA GLN A 136 3.61 -14.85 10.35
C GLN A 136 4.65 -13.82 9.97
N PRO A 137 5.93 -14.05 10.32
CA PRO A 137 6.91 -12.99 10.12
C PRO A 137 7.24 -12.76 8.65
N ASP A 138 6.97 -13.74 7.78
CA ASP A 138 7.12 -13.63 6.32
C ASP A 138 5.78 -13.89 5.66
N GLY A 139 4.70 -13.40 6.27
CA GLY A 139 3.33 -13.67 5.81
C GLY A 139 2.94 -12.86 4.57
N LEU A 140 3.35 -11.58 4.51
CA LEU A 140 2.85 -10.71 3.47
C LEU A 140 3.98 -10.09 2.71
N ALA A 141 3.73 -9.71 1.45
CA ALA A 141 4.67 -8.94 0.68
C ALA A 141 3.80 -7.81 0.16
N VAL A 142 4.22 -6.58 0.45
CA VAL A 142 3.48 -5.40 -0.01
C VAL A 142 4.37 -4.69 -1.03
N LEU A 143 3.86 -4.58 -2.25
CA LEU A 143 4.51 -3.79 -3.27
C LEU A 143 4.01 -2.35 -3.16
N GLY A 144 4.94 -1.45 -2.81
CA GLY A 144 4.62 -0.05 -2.61
C GLY A 144 5.05 0.76 -3.82
N ILE A 145 4.17 1.63 -4.29
CA ILE A 145 4.41 2.44 -5.46
C ILE A 145 4.05 3.87 -5.10
N PHE A 146 4.98 4.80 -5.35
CA PHE A 146 4.72 6.20 -5.04
C PHE A 146 3.95 6.84 -6.18
N LEU A 147 3.11 7.80 -5.83
CA LEU A 147 2.33 8.60 -6.78
C LEU A 147 2.86 10.03 -6.66
N LYS A 148 3.22 10.59 -7.82
CA LYS A 148 3.48 12.02 -7.92
C LYS A 148 2.41 12.66 -8.78
N VAL A 149 2.17 13.94 -8.61
CA VAL A 149 1.11 14.61 -9.36
C VAL A 149 1.74 15.23 -10.60
N GLY A 150 1.19 14.89 -11.76
CA GLY A 150 1.68 15.42 -13.00
C GLY A 150 0.74 14.98 -14.10
N SER A 151 1.22 14.21 -15.07
N SER A 151 1.25 14.13 -15.01
CA SER A 151 0.24 13.70 -16.03
CA SER A 151 0.41 13.48 -16.02
C SER A 151 -0.59 12.58 -15.42
C SER A 151 -0.60 12.53 -15.38
N ALA A 152 -1.76 12.35 -16.02
CA ALA A 152 -2.70 11.35 -15.53
C ALA A 152 -2.17 9.93 -15.76
N LYS A 153 -2.60 8.98 -14.93
CA LYS A 153 -2.33 7.56 -15.11
C LYS A 153 -3.61 6.97 -15.70
N PRO A 154 -3.65 6.71 -17.03
N PRO A 154 -3.65 6.58 -16.99
CA PRO A 154 -4.87 6.16 -17.64
CA PRO A 154 -4.96 6.22 -17.54
C PRO A 154 -5.46 4.97 -16.91
C PRO A 154 -5.49 4.96 -16.87
N GLY A 155 -4.58 4.07 -16.41
CA GLY A 155 -5.02 2.83 -15.76
C GLY A 155 -5.62 3.05 -14.39
N LEU A 156 -5.47 4.25 -13.82
CA LEU A 156 -6.14 4.56 -12.57
C LEU A 156 -7.56 5.05 -12.73
N GLN A 157 -7.91 5.49 -13.95
CA GLN A 157 -9.15 6.22 -14.12
C GLN A 157 -10.37 5.39 -13.74
N LYS A 158 -10.39 4.07 -14.00
CA LYS A 158 -11.55 3.29 -13.72
C LYS A 158 -11.83 3.31 -12.20
N VAL A 159 -10.74 3.32 -11.39
CA VAL A 159 -10.89 3.43 -9.95
C VAL A 159 -11.43 4.81 -9.56
N VAL A 160 -10.83 5.88 -10.05
CA VAL A 160 -11.20 7.25 -9.68
C VAL A 160 -12.67 7.47 -9.96
N ASP A 161 -13.12 6.96 -11.11
CA ASP A 161 -14.45 7.24 -11.56
C ASP A 161 -15.57 6.57 -10.76
N VAL A 162 -15.28 5.61 -9.89
N VAL A 162 -15.27 5.54 -9.95
CA VAL A 162 -16.27 4.93 -9.08
CA VAL A 162 -16.31 4.98 -9.11
C VAL A 162 -16.27 5.47 -7.65
C VAL A 162 -16.22 5.41 -7.65
N LEU A 163 -15.29 6.30 -7.29
CA LEU A 163 -15.17 6.66 -5.89
C LEU A 163 -16.41 7.41 -5.40
N ASP A 164 -17.11 8.16 -6.26
CA ASP A 164 -18.32 8.86 -5.82
C ASP A 164 -19.35 7.88 -5.25
N SER A 165 -19.27 6.60 -5.66
CA SER A 165 -20.25 5.62 -5.21
C SER A 165 -19.91 5.01 -3.84
N ILE A 166 -18.72 5.28 -3.34
CA ILE A 166 -18.29 4.72 -2.06
C ILE A 166 -17.80 5.83 -1.13
N LYS A 167 -18.54 6.95 -1.09
CA LYS A 167 -18.02 8.13 -0.45
C LYS A 167 -17.77 7.90 1.05
N THR A 168 -18.65 7.14 1.73
CA THR A 168 -18.54 7.11 3.20
C THR A 168 -18.20 5.69 3.65
N LYS A 169 -17.72 5.66 4.90
CA LYS A 169 -17.29 4.42 5.50
C LYS A 169 -18.39 3.41 5.42
N GLY A 170 -18.03 2.22 4.96
CA GLY A 170 -18.95 1.12 4.87
C GLY A 170 -19.57 0.89 3.49
N LYS A 171 -19.44 1.87 2.59
CA LYS A 171 -20.01 1.68 1.25
C LYS A 171 -19.09 0.81 0.39
N SER A 172 -19.70 0.01 -0.49
CA SER A 172 -18.89 -0.79 -1.38
C SER A 172 -19.66 -0.93 -2.70
N ALA A 173 -18.95 -1.41 -3.75
CA ALA A 173 -19.57 -1.67 -5.04
C ALA A 173 -18.85 -2.83 -5.72
N ASP A 174 -19.54 -3.49 -6.64
CA ASP A 174 -18.86 -4.44 -7.51
C ASP A 174 -17.82 -3.69 -8.32
N PHE A 175 -16.71 -4.39 -8.61
CA PHE A 175 -15.62 -3.74 -9.29
C PHE A 175 -14.83 -4.82 -9.99
N THR A 176 -15.36 -5.28 -11.12
CA THR A 176 -14.72 -6.36 -11.84
C THR A 176 -13.91 -5.87 -13.04
N ASN A 177 -13.01 -6.74 -13.49
CA ASN A 177 -12.23 -6.50 -14.69
C ASN A 177 -11.29 -5.29 -14.52
N PHE A 178 -10.91 -4.95 -13.29
CA PHE A 178 -9.89 -3.96 -13.15
C PHE A 178 -8.48 -4.57 -13.25
N ASP A 179 -7.66 -4.06 -14.20
CA ASP A 179 -6.34 -4.64 -14.40
C ASP A 179 -5.29 -3.89 -13.59
N PRO A 180 -4.74 -4.48 -12.52
CA PRO A 180 -3.77 -3.72 -11.73
C PRO A 180 -2.45 -3.53 -12.42
N ARG A 181 -2.24 -4.16 -13.59
CA ARG A 181 -1.05 -3.86 -14.38
C ARG A 181 -1.03 -2.39 -14.81
N GLY A 182 -2.20 -1.76 -14.89
CA GLY A 182 -2.22 -0.38 -15.33
C GLY A 182 -1.83 0.60 -14.23
N LEU A 183 -1.43 0.11 -13.04
CA LEU A 183 -0.98 1.00 -11.96
C LEU A 183 0.53 0.92 -11.76
N LEU A 184 1.27 0.16 -12.57
CA LEU A 184 2.70 -0.03 -12.39
C LEU A 184 3.50 0.96 -13.23
N PRO A 185 4.67 1.40 -12.73
CA PRO A 185 5.59 2.22 -13.53
C PRO A 185 6.34 1.32 -14.50
N GLU A 186 7.19 1.92 -15.35
CA GLU A 186 7.91 1.12 -16.32
C GLU A 186 8.87 0.16 -15.63
N SER A 187 9.66 0.67 -14.67
CA SER A 187 10.73 -0.09 -14.06
C SER A 187 10.23 -0.85 -12.83
N LEU A 188 10.80 -2.04 -12.62
CA LEU A 188 10.53 -2.78 -11.40
C LEU A 188 11.78 -2.76 -10.52
N ASP A 189 12.70 -1.77 -10.68
CA ASP A 189 13.75 -1.60 -9.71
C ASP A 189 13.17 -1.22 -8.35
N TYR A 190 13.74 -1.70 -7.25
CA TYR A 190 13.07 -1.62 -5.98
C TYR A 190 14.09 -1.59 -4.85
N TRP A 191 13.58 -1.09 -3.72
CA TRP A 191 14.17 -1.24 -2.40
C TRP A 191 13.40 -2.29 -1.62
N THR A 192 14.04 -3.02 -0.72
CA THR A 192 13.28 -3.95 0.10
C THR A 192 13.82 -3.98 1.51
N TYR A 193 12.92 -4.21 2.46
CA TYR A 193 13.35 -4.30 3.86
C TYR A 193 12.23 -5.02 4.61
N PRO A 194 12.52 -5.59 5.78
CA PRO A 194 11.49 -6.27 6.60
C PRO A 194 10.80 -5.27 7.51
N GLY A 195 9.46 -5.33 7.49
CA GLY A 195 8.67 -4.37 8.22
C GLY A 195 7.33 -4.89 8.64
N SER A 196 6.39 -3.96 8.68
CA SER A 196 5.09 -4.18 9.32
C SER A 196 3.96 -3.66 8.48
N LEU A 197 2.75 -4.03 8.92
CA LEU A 197 1.54 -3.29 8.51
C LEU A 197 1.71 -1.83 8.95
N THR A 198 1.24 -0.88 8.15
CA THR A 198 1.38 0.54 8.51
C THR A 198 0.14 1.09 9.20
N THR A 199 -0.86 0.26 9.45
CA THR A 199 -1.99 0.61 10.25
C THR A 199 -2.17 -0.44 11.31
N PRO A 200 -2.92 -0.16 12.39
CA PRO A 200 -3.28 -1.23 13.31
C PRO A 200 -3.85 -2.40 12.51
N PRO A 201 -3.52 -3.66 12.84
CA PRO A 201 -2.82 -4.03 14.08
C PRO A 201 -1.29 -3.96 14.08
N LEU A 202 -0.68 -3.41 13.01
CA LEU A 202 0.76 -3.13 12.98
C LEU A 202 1.64 -4.37 13.04
N ASN A 203 1.06 -5.52 12.71
CA ASN A 203 1.82 -6.75 12.77
C ASN A 203 3.10 -6.68 11.97
N GLU A 204 4.17 -7.28 12.50
CA GLU A 204 5.48 -7.31 11.84
C GLU A 204 5.54 -8.51 10.90
N CYS A 205 4.77 -8.47 9.82
CA CYS A 205 4.58 -9.60 8.96
C CYS A 205 4.89 -9.32 7.49
N VAL A 206 5.49 -8.14 7.20
CA VAL A 206 5.56 -7.66 5.82
C VAL A 206 7.00 -7.67 5.34
N THR A 207 7.22 -8.25 4.16
CA THR A 207 8.41 -7.91 3.38
C THR A 207 7.97 -6.77 2.46
N TRP A 208 8.58 -5.60 2.68
CA TRP A 208 8.27 -4.45 1.84
C TRP A 208 9.12 -4.41 0.59
N ILE A 209 8.48 -4.16 -0.55
CA ILE A 209 9.19 -4.01 -1.82
C ILE A 209 8.68 -2.70 -2.36
N VAL A 210 9.50 -1.67 -2.35
CA VAL A 210 9.07 -0.31 -2.69
C VAL A 210 9.71 0.05 -4.02
N LEU A 211 8.96 0.31 -5.07
CA LEU A 211 9.53 0.61 -6.36
C LEU A 211 10.18 1.98 -6.35
N LYS A 212 11.31 2.04 -7.05
CA LYS A 212 12.06 3.29 -7.19
C LYS A 212 11.31 4.34 -8.01
N GLU A 213 10.67 3.90 -9.08
CA GLU A 213 10.02 4.84 -10.02
C GLU A 213 8.59 5.10 -9.58
N PRO A 214 8.23 6.36 -9.29
CA PRO A 214 6.85 6.68 -9.02
C PRO A 214 6.00 6.62 -10.28
N ILE A 215 4.70 6.44 -10.10
CA ILE A 215 3.78 6.70 -11.20
C ILE A 215 3.32 8.13 -11.09
N SER A 216 2.98 8.70 -12.22
CA SER A 216 2.39 10.02 -12.21
CA SER A 216 2.39 10.03 -12.29
C SER A 216 0.87 9.88 -12.33
N VAL A 217 0.16 10.64 -11.51
CA VAL A 217 -1.29 10.75 -11.59
C VAL A 217 -1.63 12.24 -11.75
N SER A 218 -2.84 12.53 -12.24
CA SER A 218 -3.14 13.94 -12.40
C SER A 218 -3.71 14.52 -11.11
N SER A 219 -3.66 15.87 -11.03
CA SER A 219 -4.32 16.57 -9.95
C SER A 219 -5.79 16.18 -9.88
N GLU A 220 -6.49 16.01 -11.03
CA GLU A 220 -7.93 15.68 -10.95
C GLU A 220 -8.11 14.28 -10.37
N GLN A 221 -7.19 13.34 -10.66
CA GLN A 221 -7.30 12.01 -10.10
C GLN A 221 -7.13 12.03 -8.57
N VAL A 222 -6.09 12.70 -8.08
CA VAL A 222 -5.91 12.67 -6.63
C VAL A 222 -6.99 13.50 -5.92
N LEU A 223 -7.49 14.54 -6.57
N LEU A 223 -7.49 14.56 -6.56
CA LEU A 223 -8.60 15.31 -6.00
CA LEU A 223 -8.59 15.32 -5.97
C LEU A 223 -9.78 14.40 -5.69
C LEU A 223 -9.80 14.44 -5.71
N LYS A 224 -10.01 13.38 -6.51
CA LYS A 224 -11.15 12.52 -6.26
C LYS A 224 -10.89 11.65 -5.02
N PHE A 225 -9.64 11.25 -4.78
CA PHE A 225 -9.36 10.52 -3.56
C PHE A 225 -9.78 11.37 -2.35
N ARG A 226 -9.48 12.68 -2.43
CA ARG A 226 -9.70 13.59 -1.32
C ARG A 226 -11.16 13.92 -1.08
N LYS A 227 -12.10 13.49 -1.92
CA LYS A 227 -13.51 13.71 -1.73
C LYS A 227 -14.12 12.60 -0.87
N LEU A 228 -13.37 11.50 -0.65
CA LEU A 228 -13.88 10.44 0.19
C LEU A 228 -13.98 10.95 1.61
N ASN A 229 -14.73 10.23 2.43
CA ASN A 229 -14.94 10.60 3.84
C ASN A 229 -14.50 9.45 4.75
N PHE A 230 -13.86 9.82 5.84
CA PHE A 230 -13.58 8.83 6.86
C PHE A 230 -14.82 8.35 7.54
N ASN A 231 -15.80 9.24 7.71
CA ASN A 231 -16.97 9.01 8.54
C ASN A 231 -17.99 8.14 7.79
N GLY A 232 -18.91 7.50 8.52
CA GLY A 232 -20.09 6.88 7.93
C GLY A 232 -21.12 7.93 7.59
N GLU A 233 -22.02 7.58 6.65
CA GLU A 233 -23.11 8.47 6.24
C GLU A 233 -23.97 8.78 7.46
N GLY A 234 -24.17 10.08 7.78
CA GLY A 234 -24.95 10.41 8.97
C GLY A 234 -24.10 10.91 10.13
N GLU A 235 -22.76 10.79 10.06
CA GLU A 235 -21.84 11.31 11.08
C GLU A 235 -21.20 12.61 10.60
N PRO A 236 -20.53 13.49 11.42
CA PRO A 236 -19.88 14.70 10.89
C PRO A 236 -18.91 14.33 9.79
N GLU A 237 -18.83 15.24 8.84
CA GLU A 237 -18.03 15.05 7.65
C GLU A 237 -16.55 15.35 7.94
N GLU A 238 -15.71 14.34 7.74
CA GLU A 238 -14.26 14.49 7.86
C GLU A 238 -13.65 13.88 6.61
N LEU A 239 -13.13 14.74 5.71
CA LEU A 239 -12.61 14.21 4.46
C LEU A 239 -11.52 13.21 4.80
N MET A 240 -11.52 12.13 4.00
CA MET A 240 -10.47 11.12 4.07
C MET A 240 -9.20 11.62 3.38
N VAL A 241 -8.35 12.29 4.17
CA VAL A 241 -7.06 12.82 3.72
C VAL A 241 -6.05 12.60 4.84
N ASP A 242 -4.77 12.59 4.47
CA ASP A 242 -3.70 12.39 5.44
C ASP A 242 -3.89 11.08 6.19
N ASN A 243 -4.22 10.04 5.43
CA ASN A 243 -4.32 8.68 6.00
C ASN A 243 -3.01 7.92 5.84
N TRP A 244 -1.91 8.53 6.25
CA TRP A 244 -0.58 7.97 6.20
C TRP A 244 0.05 8.01 7.59
N ARG A 245 0.81 6.95 7.88
CA ARG A 245 1.66 6.88 9.09
C ARG A 245 3.01 7.46 8.74
N PRO A 246 3.58 8.33 9.59
CA PRO A 246 4.91 8.84 9.33
C PRO A 246 6.00 7.76 9.46
N ALA A 247 7.18 8.07 8.90
CA ALA A 247 8.33 7.19 8.98
C ALA A 247 8.59 6.82 10.42
N GLN A 248 8.95 5.55 10.60
CA GLN A 248 9.27 4.99 11.90
C GLN A 248 10.77 4.64 11.96
N PRO A 249 11.33 4.46 13.17
CA PRO A 249 12.77 4.26 13.29
C PRO A 249 13.20 2.97 12.58
N LEU A 250 14.28 3.07 11.81
CA LEU A 250 14.80 1.91 11.09
C LEU A 250 15.37 0.86 12.05
N LYS A 251 15.88 1.31 13.21
CA LYS A 251 16.40 0.35 14.20
C LYS A 251 17.51 -0.52 13.57
N ASN A 252 17.60 -1.83 13.78
CA ASN A 252 18.87 -2.39 13.21
C ASN A 252 18.75 -2.76 11.73
N ARG A 253 17.77 -2.29 11.00
CA ARG A 253 17.48 -2.92 9.72
C ARG A 253 18.30 -2.31 8.58
N GLN A 254 18.57 -3.15 7.58
N GLN A 254 18.57 -3.10 7.54
CA GLN A 254 19.14 -2.70 6.34
CA GLN A 254 19.24 -2.60 6.36
C GLN A 254 18.04 -2.63 5.28
C GLN A 254 18.32 -2.72 5.15
N ILE A 255 18.12 -1.59 4.47
CA ILE A 255 17.36 -1.55 3.23
C ILE A 255 18.28 -1.98 2.09
N LYS A 256 17.80 -2.93 1.31
CA LYS A 256 18.56 -3.42 0.15
C LYS A 256 17.99 -2.82 -1.13
N ALA A 257 18.85 -2.56 -2.12
CA ALA A 257 18.42 -2.08 -3.43
C ALA A 257 18.69 -3.17 -4.45
N SER A 258 17.75 -3.29 -5.43
CA SER A 258 17.93 -4.22 -6.54
C SER A 258 18.77 -3.62 -7.67
N PHE A 259 19.21 -2.37 -7.48
CA PHE A 259 19.80 -1.62 -8.58
C PHE A 259 20.87 -0.69 -8.02
N LYS A 260 21.71 -0.25 -8.97
CA LYS A 260 22.69 0.82 -8.97
C LYS A 260 23.98 0.40 -8.26
ZN ZN B . -1.23 0.54 3.07
S DMS C . -0.92 12.07 8.86
O DMS C . -1.14 13.61 9.07
C1 DMS C . 0.70 11.73 9.49
C2 DMS C . -1.75 11.32 10.25
O1 MES D . -16.37 10.54 -3.29
C2 MES D . -15.10 10.37 -3.95
C3 MES D . -14.84 11.04 -5.26
N4 MES D . -16.12 11.39 -5.96
C5 MES D . -17.01 12.21 -5.08
C6 MES D . -17.21 11.64 -3.69
C7 MES D . -15.87 12.08 -7.27
C8 MES D . -16.78 13.29 -7.42
C1 LML E . -7.58 -3.57 6.74
O1 LML E . -7.47 -3.50 5.51
OXT LML E . -6.94 -2.87 7.53
CA LML E . -8.56 -4.60 7.34
C LML E . -9.77 -3.95 8.04
O LML E . -10.15 -2.78 7.65
O2 LML E . -10.29 -4.58 9.03
F18 3TV F . -3.40 -3.27 8.61
C7 3TV F . -3.14 -3.53 7.33
C6 3TV F . -2.20 -2.69 6.69
F17 3TV F . -1.67 -1.69 7.37
C8 3TV F . -3.70 -4.57 6.66
S11 3TV F . -4.85 -5.55 7.60
C12 3TV F . -5.14 -7.17 6.89
C13 3TV F . -3.86 -7.76 7.41
C14 3TV F . -4.32 -8.26 8.78
C9 3TV F . -3.30 -4.82 5.37
F15 3TV F . -3.82 -5.81 4.67
C10 3TV F . -2.32 -4.04 4.78
F16 3TV F . -2.06 -4.33 3.53
C5 3TV F . -1.79 -2.94 5.39
S1 3TV F . -0.48 -1.90 4.66
O3 3TV F . -0.38 -2.28 3.29
O4 3TV F . 0.65 -2.14 5.51
N2 3TV F . -1.03 -0.37 4.77
F18 3TV G . -11.11 4.36 20.58
C7 3TV G . -9.90 4.85 20.57
C6 3TV G . -8.82 4.10 20.08
F17 3TV G . -9.06 2.86 19.58
C8 3TV G . -9.70 6.07 21.14
S11 3TV G . -11.09 6.93 21.80
C12 3TV G . -11.04 8.57 20.86
C13 3TV G . -11.67 9.84 21.50
C14 3TV G . -12.28 10.86 20.56
C9 3TV G . -8.47 6.61 21.18
F15 3TV G . -8.22 7.78 21.76
C10 3TV G . -7.39 5.98 20.68
F16 3TV G . -6.27 6.71 20.85
C5 3TV G . -7.51 4.68 20.12
S1 3TV G . -6.06 3.85 19.35
O3 3TV G . -5.61 5.00 18.47
O4 3TV G . -6.34 2.49 18.80
N2 3TV G . -4.76 3.43 20.54
#